data_5UPY
#
_entry.id   5UPY
#
_cell.length_a   174.165
_cell.length_b   174.165
_cell.length_c   174.165
_cell.angle_alpha   90.00
_cell.angle_beta   90.00
_cell.angle_gamma   90.00
#
_symmetry.space_group_name_H-M   'I 4 3 2'
#
loop_
_entity.id
_entity.type
_entity.pdbx_description
1 polymer "Inosine-5'-monophosphate dehydrogenase"
2 non-polymer 'INOSINIC ACID'
3 non-polymer (2S)-2-(naphthalen-1-yloxy)-N-[2-(pyridin-4-yl)-1,3-benzoxazol-5-yl]propanamide
4 non-polymer 'CHLORIDE ION'
5 non-polymer GLYCEROL
6 non-polymer 1,2-ETHANEDIOL
7 water water
#
_entity_poly.entity_id   1
_entity_poly.type   'polypeptide(L)'
_entity_poly.pdbx_seq_one_letter_code
;SNAMWETKFAKEGLTFDDVLLVPAKSDVLPNDVDLSVEMAPSLKLNVPIWSAGMDTITEAKMAIAIARQGGIGVVHKNMS
IEQQAEEIEKVKRSGGLLAAAAVGITNDTFVRVEKLIEAGVDAIVIDTAHGHSAGVINKISEIRQTFKDVVIVAGNVATA
EGARALFEVGVDIVKVGIGPGSICTTRVVAGVGVPQITAIYDCATVAREFGKTIIADGGIKYSGDIVKALAAGGNAVMLG
SMLAGTDESPGETEIFQGRQFKTYRGMGSLAAMEHGSKDRYFQADAKKLVPEGIEGRVPYKGSVADIIFQLVGGIRSGMG
YTGSPDLRHLREEAAFVRMTGAGLRESHPHDIQITKEAPNYSIS
;
_entity_poly.pdbx_strand_id   A
#
# COMPACT_ATOMS: atom_id res chain seq x y z
N ASN A 2 -30.90 -4.89 22.97
CA ASN A 2 -30.26 -4.34 21.79
C ASN A 2 -28.98 -5.09 21.48
N ALA A 3 -28.96 -5.78 20.32
CA ALA A 3 -27.77 -6.51 19.93
C ALA A 3 -26.60 -5.57 19.65
N MET A 4 -26.86 -4.37 19.12
CA MET A 4 -25.79 -3.42 18.86
C MET A 4 -25.15 -2.97 20.16
N TRP A 5 -25.96 -2.68 21.18
CA TRP A 5 -25.41 -2.29 22.47
C TRP A 5 -24.61 -3.44 23.08
N GLU A 6 -25.13 -4.66 23.00
CA GLU A 6 -24.50 -5.78 23.69
C GLU A 6 -23.19 -6.21 23.03
N THR A 7 -23.05 -5.99 21.73
CA THR A 7 -21.85 -6.42 21.01
C THR A 7 -20.89 -5.27 20.73
N LYS A 8 -20.99 -4.18 21.50
CA LYS A 8 -20.16 -3.01 21.27
C LYS A 8 -18.67 -3.34 21.26
N PHE A 9 -18.23 -4.31 22.10
CA PHE A 9 -16.82 -4.63 22.23
C PHE A 9 -16.50 -6.07 21.86
N ALA A 10 -17.35 -6.72 21.05
CA ALA A 10 -17.11 -8.12 20.73
C ALA A 10 -15.90 -8.31 19.82
N LYS A 11 -15.72 -7.42 18.84
CA LYS A 11 -14.72 -7.62 17.79
C LYS A 11 -13.29 -7.47 18.33
N GLU A 12 -12.38 -8.32 17.82
CA GLU A 12 -10.96 -8.26 18.14
C GLU A 12 -10.13 -8.00 16.90
N GLY A 13 -8.97 -7.38 17.09
CA GLY A 13 -8.12 -7.04 15.96
C GLY A 13 -6.64 -7.24 16.21
N LEU A 14 -5.93 -7.74 15.19
CA LEU A 14 -4.51 -7.98 15.24
C LEU A 14 -3.78 -7.09 14.23
N THR A 15 -2.57 -6.69 14.57
CA THR A 15 -1.70 -6.03 13.61
C THR A 15 -0.43 -6.84 13.41
N PHE A 16 0.50 -6.30 12.62
CA PHE A 16 1.68 -7.06 12.22
C PHE A 16 2.48 -7.53 13.42
N ASP A 17 2.67 -6.67 14.43
CA ASP A 17 3.49 -7.03 15.58
C ASP A 17 2.81 -8.03 16.50
N ASP A 18 1.54 -8.38 16.24
CA ASP A 18 0.85 -9.39 17.02
C ASP A 18 1.10 -10.81 16.53
N VAL A 19 1.66 -10.99 15.33
CA VAL A 19 1.68 -12.30 14.69
C VAL A 19 3.05 -12.59 14.07
N LEU A 20 3.33 -13.88 13.92
CA LEU A 20 4.44 -14.40 13.15
C LEU A 20 3.91 -15.48 12.21
N LEU A 21 4.62 -15.72 11.12
CA LEU A 21 4.30 -16.82 10.22
C LEU A 21 4.99 -18.09 10.70
N VAL A 22 4.25 -19.18 10.71
CA VAL A 22 4.79 -20.48 11.15
C VAL A 22 5.60 -21.09 10.01
N PRO A 23 6.81 -21.56 10.27
CA PRO A 23 7.53 -22.33 9.25
C PRO A 23 6.80 -23.63 8.94
N ALA A 24 6.89 -24.05 7.67
CA ALA A 24 6.19 -25.24 7.21
C ALA A 24 7.12 -26.01 6.28
N LYS A 25 6.71 -27.25 5.96
CA LYS A 25 7.43 -28.08 5.01
C LYS A 25 7.60 -27.35 3.68
N SER A 26 8.84 -27.29 3.20
CA SER A 26 9.14 -26.49 2.01
C SER A 26 9.86 -27.32 0.96
N ASP A 27 9.42 -27.17 -0.29
CA ASP A 27 10.06 -27.78 -1.45
C ASP A 27 10.70 -26.75 -2.37
N VAL A 28 10.70 -25.47 -2.00
CA VAL A 28 11.08 -24.40 -2.90
C VAL A 28 12.13 -23.52 -2.22
N LEU A 29 13.26 -23.33 -2.90
CA LEU A 29 14.29 -22.41 -2.42
C LEU A 29 13.81 -20.97 -2.58
N PRO A 30 14.31 -20.06 -1.74
CA PRO A 30 13.91 -18.64 -1.88
C PRO A 30 14.12 -18.07 -3.27
N ASN A 31 15.22 -18.42 -3.93
CA ASN A 31 15.52 -17.84 -5.24
C ASN A 31 14.62 -18.39 -6.34
N ASP A 32 13.93 -19.50 -6.11
CA ASP A 32 13.02 -20.10 -7.09
C ASP A 32 11.57 -19.70 -6.87
N VAL A 33 11.28 -18.85 -5.88
CA VAL A 33 9.90 -18.46 -5.59
C VAL A 33 9.38 -17.53 -6.68
N ASP A 34 8.08 -17.65 -6.98
CA ASP A 34 7.40 -16.82 -7.96
C ASP A 34 6.68 -15.67 -7.22
N LEU A 35 7.13 -14.44 -7.46
CA LEU A 35 6.57 -13.27 -6.80
C LEU A 35 5.55 -12.53 -7.65
N SER A 36 5.20 -13.03 -8.83
CA SER A 36 4.27 -12.30 -9.68
C SER A 36 2.84 -12.45 -9.17
N VAL A 37 2.02 -11.43 -9.44
CA VAL A 37 0.64 -11.42 -9.00
C VAL A 37 -0.23 -10.76 -10.07
N GLU A 38 -1.38 -11.37 -10.33
CA GLU A 38 -2.38 -10.80 -11.23
C GLU A 38 -3.34 -9.94 -10.40
N MET A 39 -3.22 -8.63 -10.53
CA MET A 39 -4.13 -7.72 -9.84
C MET A 39 -5.49 -7.67 -10.52
N ALA A 40 -5.49 -7.69 -11.85
CA ALA A 40 -6.68 -7.73 -12.68
C ALA A 40 -6.31 -8.39 -14.00
N PRO A 41 -7.28 -8.84 -14.79
CA PRO A 41 -6.95 -9.57 -16.02
C PRO A 41 -5.95 -8.86 -16.93
N SER A 42 -5.91 -7.53 -16.90
CA SER A 42 -5.01 -6.77 -17.76
C SER A 42 -3.82 -6.18 -17.00
N LEU A 43 -3.68 -6.47 -15.71
CA LEU A 43 -2.63 -5.86 -14.89
C LEU A 43 -1.95 -6.94 -14.06
N LYS A 44 -0.73 -7.31 -14.45
CA LYS A 44 0.09 -8.26 -13.72
C LYS A 44 1.41 -7.61 -13.31
N LEU A 45 1.81 -7.82 -12.07
CA LEU A 45 3.06 -7.27 -11.54
C LEU A 45 4.07 -8.39 -11.34
N ASN A 46 5.35 -8.06 -11.51
CA ASN A 46 6.40 -9.03 -11.24
C ASN A 46 6.75 -9.11 -9.76
N VAL A 47 6.57 -8.02 -9.02
CA VAL A 47 6.68 -8.05 -7.56
C VAL A 47 5.44 -7.34 -7.01
N PRO A 48 4.89 -7.79 -5.87
CA PRO A 48 3.55 -7.33 -5.44
C PRO A 48 3.61 -6.06 -4.61
N ILE A 49 4.09 -4.97 -5.23
CA ILE A 49 4.39 -3.74 -4.49
C ILE A 49 3.88 -2.54 -5.28
N TRP A 50 3.04 -1.73 -4.64
CA TRP A 50 2.59 -0.45 -5.16
C TRP A 50 3.24 0.66 -4.34
N SER A 51 3.70 1.72 -5.01
CA SER A 51 4.21 2.87 -4.27
C SER A 51 3.08 3.85 -4.02
N ALA A 52 3.10 4.48 -2.84
CA ALA A 52 1.95 5.25 -2.38
C ALA A 52 1.73 6.52 -3.19
N GLY A 53 0.46 6.83 -3.47
CA GLY A 53 0.09 8.05 -4.14
C GLY A 53 0.19 9.28 -3.24
N MET A 54 1.41 9.67 -2.89
CA MET A 54 1.65 10.77 -1.96
C MET A 54 2.67 11.73 -2.57
N ASP A 55 2.52 13.02 -2.25
CA ASP A 55 3.36 14.02 -2.88
C ASP A 55 4.80 14.03 -2.37
N THR A 56 5.12 13.22 -1.37
CA THR A 56 6.52 13.00 -0.99
C THR A 56 6.97 11.58 -1.28
N ILE A 57 6.21 10.82 -2.08
CA ILE A 57 6.61 9.46 -2.42
C ILE A 57 6.72 9.26 -3.93
N THR A 58 5.63 9.47 -4.66
CA THR A 58 5.53 8.99 -6.05
C THR A 58 5.19 10.11 -7.02
N GLU A 59 6.18 10.52 -7.81
CA GLU A 59 5.93 11.17 -9.09
C GLU A 59 6.54 10.29 -10.17
N ALA A 60 6.76 10.84 -11.38
CA ALA A 60 7.22 10.00 -12.49
C ALA A 60 8.53 9.31 -12.17
N LYS A 61 9.45 10.01 -11.49
CA LYS A 61 10.75 9.43 -11.18
C LYS A 61 10.61 8.18 -10.32
N MET A 62 9.73 8.22 -9.32
CA MET A 62 9.50 7.04 -8.48
C MET A 62 8.79 5.94 -9.26
N ALA A 63 7.74 6.31 -10.01
CA ALA A 63 6.98 5.31 -10.74
C ALA A 63 7.85 4.58 -11.75
N ILE A 64 8.79 5.30 -12.38
CA ILE A 64 9.72 4.66 -13.30
C ILE A 64 10.60 3.67 -12.57
N ALA A 65 11.19 4.09 -11.44
CA ALA A 65 12.11 3.22 -10.72
C ALA A 65 11.42 1.96 -10.23
N ILE A 66 10.24 2.10 -9.63
CA ILE A 66 9.59 0.92 -9.04
C ILE A 66 9.02 0.01 -10.12
N ALA A 67 8.56 0.56 -11.24
CA ALA A 67 8.11 -0.28 -12.34
C ALA A 67 9.26 -1.10 -12.91
N ARG A 68 10.45 -0.51 -12.98
CA ARG A 68 11.63 -1.23 -13.44
C ARG A 68 12.06 -2.33 -12.48
N GLN A 69 11.54 -2.34 -11.25
CA GLN A 69 11.80 -3.42 -10.30
C GLN A 69 10.68 -4.45 -10.27
N GLY A 70 9.63 -4.24 -11.05
CA GLY A 70 8.53 -5.18 -11.11
C GLY A 70 7.25 -4.70 -10.48
N GLY A 71 7.24 -3.53 -9.89
CA GLY A 71 6.06 -3.00 -9.23
C GLY A 71 5.31 -2.02 -10.10
N ILE A 72 4.58 -1.12 -9.45
CA ILE A 72 3.87 -0.05 -10.14
C ILE A 72 3.76 1.12 -9.19
N GLY A 73 3.85 2.33 -9.72
CA GLY A 73 3.78 3.54 -8.92
C GLY A 73 2.46 4.26 -9.14
N VAL A 74 1.93 4.85 -8.06
CA VAL A 74 0.69 5.62 -8.12
C VAL A 74 1.08 7.08 -8.07
N VAL A 75 1.05 7.77 -9.21
CA VAL A 75 1.36 9.19 -9.26
C VAL A 75 0.29 9.97 -8.50
N HIS A 76 0.73 10.84 -7.59
CA HIS A 76 -0.18 11.56 -6.71
C HIS A 76 -0.90 12.68 -7.47
N LYS A 77 -2.00 13.14 -6.87
CA LYS A 77 -2.92 14.05 -7.51
C LYS A 77 -2.83 15.49 -6.98
N ASN A 78 -1.81 15.81 -6.19
CA ASN A 78 -1.60 17.19 -5.74
C ASN A 78 -0.91 18.01 -6.83
N MET A 79 -1.55 18.02 -7.99
CA MET A 79 -1.08 18.75 -9.16
C MET A 79 -2.25 18.86 -10.13
N SER A 80 -2.07 19.70 -11.14
CA SER A 80 -3.12 19.90 -12.12
C SER A 80 -3.35 18.62 -12.93
N ILE A 81 -4.47 18.60 -13.65
CA ILE A 81 -4.75 17.47 -14.54
C ILE A 81 -3.68 17.36 -15.62
N GLU A 82 -3.29 18.49 -16.20
CA GLU A 82 -2.25 18.48 -17.23
C GLU A 82 -0.93 17.96 -16.67
N GLN A 83 -0.55 18.42 -15.47
CA GLN A 83 0.71 17.96 -14.88
C GLN A 83 0.68 16.47 -14.59
N GLN A 84 -0.42 15.97 -14.01
CA GLN A 84 -0.49 14.56 -13.66
C GLN A 84 -0.50 13.69 -14.90
N ALA A 85 -1.19 14.12 -15.96
CA ALA A 85 -1.14 13.40 -17.22
C ALA A 85 0.25 13.42 -17.80
N GLU A 86 0.97 14.54 -17.64
CA GLU A 86 2.32 14.63 -18.16
C GLU A 86 3.27 13.71 -17.40
N GLU A 87 3.08 13.55 -16.09
CA GLU A 87 3.88 12.60 -15.34
C GLU A 87 3.68 11.17 -15.86
N ILE A 88 2.44 10.84 -16.22
CA ILE A 88 2.16 9.50 -16.75
C ILE A 88 2.84 9.30 -18.10
N GLU A 89 2.85 10.35 -18.94
CA GLU A 89 3.54 10.25 -20.24
C GLU A 89 5.03 10.00 -20.04
N LYS A 90 5.64 10.60 -19.02
CA LYS A 90 7.05 10.36 -18.75
C LYS A 90 7.31 8.90 -18.43
N VAL A 91 6.39 8.25 -17.71
CA VAL A 91 6.54 6.85 -17.38
C VAL A 91 6.42 5.99 -18.63
N LYS A 92 5.35 6.19 -19.41
CA LYS A 92 5.14 5.39 -20.61
C LYS A 92 6.25 5.61 -21.64
N ARG A 93 6.86 6.78 -21.65
CA ARG A 93 7.96 7.04 -22.58
C ARG A 93 9.29 6.52 -22.07
N SER A 94 9.32 5.86 -20.92
CA SER A 94 10.53 5.24 -20.39
C SER A 94 10.51 3.73 -20.62
N GLY A 95 10.01 3.28 -21.76
CA GLY A 95 9.96 1.87 -22.07
C GLY A 95 8.61 1.21 -21.92
N GLY A 96 7.52 1.98 -21.92
CA GLY A 96 6.20 1.39 -21.79
C GLY A 96 5.92 0.82 -20.42
N LEU A 97 6.56 1.35 -19.38
CA LEU A 97 6.39 0.83 -18.04
C LEU A 97 4.94 0.98 -17.57
N LEU A 98 4.55 0.12 -16.64
CA LEU A 98 3.25 0.25 -15.98
C LEU A 98 3.20 1.56 -15.20
N ALA A 99 2.00 2.14 -15.13
CA ALA A 99 1.80 3.38 -14.40
C ALA A 99 0.38 3.45 -13.86
N ALA A 100 0.24 3.93 -12.64
CA ALA A 100 -1.05 4.17 -12.03
C ALA A 100 -1.11 5.62 -11.57
N ALA A 101 -2.33 6.11 -11.34
CA ALA A 101 -2.52 7.51 -10.98
C ALA A 101 -3.69 7.64 -10.03
N ALA A 102 -3.53 8.47 -9.00
CA ALA A 102 -4.55 8.68 -8.00
C ALA A 102 -5.52 9.76 -8.45
N VAL A 103 -6.80 9.54 -8.18
CA VAL A 103 -7.83 10.55 -8.34
C VAL A 103 -8.64 10.59 -7.06
N GLY A 104 -9.22 11.76 -6.78
CA GLY A 104 -10.15 11.91 -5.69
C GLY A 104 -11.59 11.81 -6.16
N ILE A 105 -12.51 12.08 -5.25
CA ILE A 105 -13.90 12.27 -5.61
C ILE A 105 -14.19 13.76 -5.52
N THR A 106 -13.88 14.48 -6.58
CA THR A 106 -14.07 15.92 -6.63
C THR A 106 -14.80 16.30 -7.92
N ASN A 107 -14.90 17.59 -8.19
CA ASN A 107 -15.61 18.03 -9.38
C ASN A 107 -14.76 17.95 -10.65
N ASP A 108 -13.48 17.57 -10.54
CA ASP A 108 -12.65 17.35 -11.71
C ASP A 108 -12.40 15.88 -11.99
N THR A 109 -12.98 14.97 -11.21
CA THR A 109 -12.58 13.57 -11.28
C THR A 109 -12.77 12.98 -12.67
N PHE A 110 -13.90 13.25 -13.30
CA PHE A 110 -14.17 12.61 -14.60
C PHE A 110 -13.24 13.12 -15.67
N VAL A 111 -12.96 14.42 -15.69
CA VAL A 111 -12.00 14.94 -16.67
C VAL A 111 -10.60 14.41 -16.37
N ARG A 112 -10.23 14.37 -15.09
CA ARG A 112 -8.89 13.90 -14.73
C ARG A 112 -8.70 12.44 -15.14
N VAL A 113 -9.68 11.58 -14.87
CA VAL A 113 -9.59 10.18 -15.29
C VAL A 113 -9.44 10.09 -16.80
N GLU A 114 -10.21 10.88 -17.55
CA GLU A 114 -10.16 10.83 -19.00
C GLU A 114 -8.79 11.22 -19.54
N LYS A 115 -8.20 12.29 -19.00
CA LYS A 115 -6.88 12.70 -19.48
C LYS A 115 -5.80 11.71 -19.07
N LEU A 116 -5.93 11.10 -17.90
CA LEU A 116 -4.96 10.08 -17.48
C LEU A 116 -5.05 8.84 -18.37
N ILE A 117 -6.25 8.46 -18.78
CA ILE A 117 -6.39 7.36 -19.72
C ILE A 117 -5.79 7.72 -21.07
N GLU A 118 -6.01 8.98 -21.52
CA GLU A 118 -5.38 9.44 -22.75
C GLU A 118 -3.86 9.33 -22.68
N ALA A 119 -3.30 9.57 -21.50
CA ALA A 119 -1.85 9.51 -21.32
C ALA A 119 -1.32 8.09 -21.25
N GLY A 120 -2.20 7.09 -21.22
CA GLY A 120 -1.77 5.70 -21.20
C GLY A 120 -1.79 5.03 -19.83
N VAL A 121 -2.47 5.61 -18.84
CA VAL A 121 -2.43 5.07 -17.50
C VAL A 121 -2.99 3.64 -17.50
N ASP A 122 -2.46 2.80 -16.61
CA ASP A 122 -2.89 1.42 -16.54
C ASP A 122 -3.91 1.16 -15.44
N ALA A 123 -3.83 1.88 -14.34
CA ALA A 123 -4.82 1.77 -13.27
C ALA A 123 -5.16 3.15 -12.75
N ILE A 124 -6.44 3.33 -12.42
CA ILE A 124 -6.92 4.52 -11.73
C ILE A 124 -7.08 4.15 -10.25
N VAL A 125 -6.54 4.98 -9.37
CA VAL A 125 -6.59 4.72 -7.94
C VAL A 125 -7.49 5.78 -7.31
N ILE A 126 -8.76 5.43 -7.12
CA ILE A 126 -9.74 6.32 -6.49
C ILE A 126 -9.44 6.33 -4.99
N ASP A 127 -8.78 7.37 -4.52
CA ASP A 127 -8.28 7.48 -3.16
C ASP A 127 -9.21 8.38 -2.35
N THR A 128 -9.80 7.83 -1.29
CA THR A 128 -10.64 8.59 -0.38
C THR A 128 -10.35 8.15 1.05
N ALA A 129 -10.60 9.05 2.00
CA ALA A 129 -10.40 8.73 3.40
C ALA A 129 -11.38 7.65 3.87
N HIS A 130 -12.64 7.75 3.45
CA HIS A 130 -13.69 6.82 3.88
C HIS A 130 -14.37 6.27 2.64
N GLY A 131 -13.82 5.17 2.09
CA GLY A 131 -14.39 4.56 0.91
C GLY A 131 -15.76 3.96 1.10
N HIS A 132 -16.14 3.65 2.33
CA HIS A 132 -17.45 3.03 2.60
C HIS A 132 -18.50 4.10 2.89
N SER A 133 -18.75 4.94 1.89
CA SER A 133 -19.73 6.00 2.03
C SER A 133 -20.57 6.09 0.76
N ALA A 134 -21.83 6.51 0.95
CA ALA A 134 -22.79 6.53 -0.16
C ALA A 134 -22.30 7.41 -1.30
N GLY A 135 -21.82 8.61 -0.99
CA GLY A 135 -21.39 9.52 -2.04
C GLY A 135 -20.20 8.98 -2.82
N VAL A 136 -19.28 8.32 -2.13
CA VAL A 136 -18.12 7.77 -2.81
C VAL A 136 -18.51 6.57 -3.67
N ILE A 137 -19.27 5.63 -3.09
CA ILE A 137 -19.69 4.44 -3.84
C ILE A 137 -20.49 4.84 -5.07
N ASN A 138 -21.31 5.89 -4.97
CA ASN A 138 -22.13 6.30 -6.12
C ASN A 138 -21.29 6.91 -7.23
N LYS A 139 -20.32 7.74 -6.88
CA LYS A 139 -19.43 8.29 -7.90
C LYS A 139 -18.56 7.20 -8.52
N ILE A 140 -18.07 6.27 -7.70
CA ILE A 140 -17.26 5.17 -8.23
C ILE A 140 -18.05 4.36 -9.25
N SER A 141 -19.28 3.98 -8.89
CA SER A 141 -20.12 3.24 -9.82
C SER A 141 -20.33 4.01 -11.11
N GLU A 142 -20.46 5.34 -11.00
CA GLU A 142 -20.62 6.15 -12.21
C GLU A 142 -19.34 6.18 -13.03
N ILE A 143 -18.18 6.20 -12.35
CA ILE A 143 -16.91 6.12 -13.05
C ILE A 143 -16.77 4.76 -13.74
N ARG A 144 -17.19 3.69 -13.05
CA ARG A 144 -17.09 2.35 -13.62
C ARG A 144 -17.87 2.23 -14.92
N GLN A 145 -19.06 2.83 -14.97
CA GLN A 145 -19.88 2.74 -16.17
C GLN A 145 -19.41 3.69 -17.25
N THR A 146 -18.75 4.79 -16.88
CA THR A 146 -18.22 5.71 -17.88
C THR A 146 -16.95 5.16 -18.53
N PHE A 147 -16.06 4.57 -17.74
CA PHE A 147 -14.79 4.03 -18.23
C PHE A 147 -14.79 2.52 -17.95
N LYS A 148 -15.33 1.76 -18.89
CA LYS A 148 -15.60 0.34 -18.67
C LYS A 148 -14.36 -0.53 -18.70
N ASP A 149 -13.28 -0.09 -19.35
CA ASP A 149 -12.14 -0.95 -19.60
C ASP A 149 -10.92 -0.62 -18.76
N VAL A 150 -10.98 0.41 -17.93
CA VAL A 150 -9.83 0.81 -17.12
C VAL A 150 -9.83 0.00 -15.83
N VAL A 151 -8.64 -0.40 -15.39
CA VAL A 151 -8.49 -1.02 -14.09
C VAL A 151 -8.73 0.03 -13.01
N ILE A 152 -9.64 -0.27 -12.09
CA ILE A 152 -10.01 0.67 -11.04
C ILE A 152 -9.60 0.09 -9.69
N VAL A 153 -8.74 0.83 -8.99
CA VAL A 153 -8.49 0.63 -7.57
C VAL A 153 -9.30 1.67 -6.81
N ALA A 154 -9.96 1.24 -5.72
CA ALA A 154 -10.71 2.17 -4.89
C ALA A 154 -10.50 1.84 -3.42
N GLY A 155 -10.43 2.88 -2.61
CA GLY A 155 -10.23 2.73 -1.18
C GLY A 155 -10.43 4.07 -0.50
N ASN A 156 -10.21 4.09 0.81
CA ASN A 156 -9.82 2.92 1.58
C ASN A 156 -10.96 2.41 2.45
N VAL A 157 -10.99 1.10 2.67
CA VAL A 157 -11.92 0.45 3.59
C VAL A 157 -11.12 -0.42 4.54
N ALA A 158 -11.79 -0.89 5.59
CA ALA A 158 -11.14 -1.77 6.56
C ALA A 158 -12.07 -2.87 7.05
N THR A 159 -13.21 -3.08 6.40
CA THR A 159 -14.18 -4.08 6.82
C THR A 159 -14.65 -4.87 5.60
N ALA A 160 -15.17 -6.07 5.88
CA ALA A 160 -15.80 -6.89 4.85
C ALA A 160 -16.93 -6.13 4.14
N GLU A 161 -17.83 -5.52 4.91
CA GLU A 161 -18.95 -4.81 4.31
C GLU A 161 -18.49 -3.65 3.42
N GLY A 162 -17.39 -2.99 3.80
CA GLY A 162 -16.88 -1.92 2.97
C GLY A 162 -16.24 -2.44 1.69
N ALA A 163 -15.47 -3.51 1.78
CA ALA A 163 -14.90 -4.11 0.58
C ALA A 163 -15.98 -4.65 -0.34
N ARG A 164 -17.02 -5.25 0.23
CA ARG A 164 -18.12 -5.78 -0.58
C ARG A 164 -18.85 -4.66 -1.30
N ALA A 165 -19.06 -3.53 -0.63
CA ALA A 165 -19.78 -2.43 -1.25
C ALA A 165 -19.02 -1.92 -2.48
N LEU A 166 -17.70 -1.94 -2.44
CA LEU A 166 -16.92 -1.45 -3.57
C LEU A 166 -16.83 -2.47 -4.69
N PHE A 167 -16.66 -3.75 -4.36
CA PHE A 167 -16.67 -4.79 -5.39
C PHE A 167 -18.03 -4.86 -6.09
N GLU A 168 -19.11 -4.57 -5.36
CA GLU A 168 -20.44 -4.60 -5.93
C GLU A 168 -20.64 -3.57 -7.04
N VAL A 169 -19.85 -2.50 -7.08
CA VAL A 169 -20.07 -1.51 -8.12
C VAL A 169 -19.01 -1.62 -9.21
N GLY A 170 -18.27 -2.73 -9.24
CA GLY A 170 -17.34 -3.02 -10.30
C GLY A 170 -15.89 -2.66 -10.04
N VAL A 171 -15.53 -2.31 -8.80
CA VAL A 171 -14.14 -2.05 -8.48
C VAL A 171 -13.32 -3.31 -8.72
N ASP A 172 -12.20 -3.17 -9.41
CA ASP A 172 -11.35 -4.33 -9.66
C ASP A 172 -10.49 -4.68 -8.47
N ILE A 173 -9.95 -3.66 -7.79
CA ILE A 173 -9.00 -3.84 -6.70
C ILE A 173 -9.41 -2.92 -5.56
N VAL A 174 -9.58 -3.47 -4.36
CA VAL A 174 -9.96 -2.70 -3.19
C VAL A 174 -8.72 -2.45 -2.34
N LYS A 175 -8.48 -1.19 -1.97
CA LYS A 175 -7.34 -0.82 -1.15
C LYS A 175 -7.77 -0.77 0.31
N VAL A 176 -7.00 -1.43 1.17
CA VAL A 176 -7.42 -1.73 2.54
C VAL A 176 -6.47 -1.03 3.51
N GLY A 177 -7.05 -0.29 4.46
CA GLY A 177 -6.26 0.33 5.50
C GLY A 177 -6.84 1.64 5.99
N ILE A 178 -7.36 1.64 7.22
CA ILE A 178 -7.86 2.86 7.86
C ILE A 178 -7.05 3.04 9.14
N GLY A 179 -6.10 3.98 9.10
CA GLY A 179 -5.32 4.32 10.27
C GLY A 179 -3.92 3.74 10.48
N PRO A 180 -3.46 2.74 9.71
CA PRO A 180 -2.16 2.14 10.06
C PRO A 180 -0.95 2.92 9.58
N GLY A 181 -1.14 3.95 8.75
CA GLY A 181 0.01 4.61 8.13
C GLY A 181 0.93 5.23 9.16
N SER A 182 2.24 5.21 8.84
CA SER A 182 3.25 5.73 9.75
C SER A 182 3.07 7.23 10.02
N ILE A 183 2.57 7.97 9.03
CA ILE A 183 2.42 9.42 9.14
C ILE A 183 0.98 9.78 9.51
N CYS A 184 0.17 8.78 9.83
CA CYS A 184 -1.27 8.94 9.96
C CYS A 184 -1.68 9.15 11.41
N THR A 185 -2.64 10.04 11.63
CA THR A 185 -3.20 10.28 12.96
C THR A 185 -4.70 10.04 13.01
N THR A 186 -5.29 9.43 11.97
CA THR A 186 -6.72 9.18 11.92
C THR A 186 -7.22 8.55 13.22
N ARG A 187 -6.46 7.61 13.78
CA ARG A 187 -6.94 6.86 14.94
C ARG A 187 -6.88 7.71 16.22
N VAL A 188 -5.98 8.67 16.31
CA VAL A 188 -5.97 9.51 17.51
C VAL A 188 -6.86 10.75 17.35
N VAL A 189 -7.09 11.20 16.12
CA VAL A 189 -7.88 12.39 15.89
C VAL A 189 -9.38 12.06 15.81
N ALA A 190 -9.72 10.97 15.11
CA ALA A 190 -11.12 10.56 14.98
C ALA A 190 -11.49 9.36 15.85
N GLY A 191 -10.50 8.65 16.39
CA GLY A 191 -10.77 7.45 17.17
C GLY A 191 -11.17 6.23 16.38
N VAL A 192 -10.87 6.20 15.08
CA VAL A 192 -11.45 5.22 14.15
C VAL A 192 -10.34 4.43 13.48
N GLY A 193 -10.50 3.11 13.43
CA GLY A 193 -9.57 2.28 12.68
C GLY A 193 -9.79 0.80 12.96
N VAL A 194 -9.02 0.00 12.22
CA VAL A 194 -9.00 -1.45 12.40
C VAL A 194 -7.54 -1.90 12.33
N PRO A 195 -7.04 -2.65 13.33
CA PRO A 195 -5.68 -3.21 13.21
C PRO A 195 -5.49 -3.92 11.88
N GLN A 196 -4.33 -3.70 11.26
CA GLN A 196 -4.22 -3.86 9.82
C GLN A 196 -4.26 -5.33 9.38
N ILE A 197 -3.69 -6.25 10.16
CA ILE A 197 -3.74 -7.66 9.78
C ILE A 197 -5.18 -8.15 9.74
N THR A 198 -5.97 -7.79 10.77
CA THR A 198 -7.39 -8.14 10.77
C THR A 198 -8.13 -7.49 9.61
N ALA A 199 -7.81 -6.23 9.30
CA ALA A 199 -8.48 -5.55 8.20
C ALA A 199 -8.17 -6.22 6.86
N ILE A 200 -6.92 -6.64 6.67
CA ILE A 200 -6.56 -7.36 5.45
C ILE A 200 -7.34 -8.66 5.36
N TYR A 201 -7.37 -9.41 6.47
CA TYR A 201 -8.00 -10.72 6.48
C TYR A 201 -9.50 -10.62 6.19
N ASP A 202 -10.20 -9.69 6.86
CA ASP A 202 -11.63 -9.57 6.63
C ASP A 202 -11.94 -9.15 5.19
N CYS A 203 -11.14 -8.25 4.63
CA CYS A 203 -11.39 -7.80 3.26
C CYS A 203 -10.99 -8.86 2.24
N ALA A 204 -9.89 -9.59 2.49
CA ALA A 204 -9.48 -10.64 1.57
C ALA A 204 -10.53 -11.73 1.49
N THR A 205 -11.20 -12.04 2.60
CA THR A 205 -12.28 -13.01 2.58
C THR A 205 -13.34 -12.62 1.55
N VAL A 206 -13.67 -11.33 1.47
CA VAL A 206 -14.65 -10.88 0.48
C VAL A 206 -14.05 -10.92 -0.92
N ALA A 207 -12.80 -10.47 -1.06
CA ALA A 207 -12.16 -10.45 -2.37
C ALA A 207 -12.14 -11.83 -3.01
N ARG A 208 -11.94 -12.87 -2.20
CA ARG A 208 -11.94 -14.23 -2.72
C ARG A 208 -13.31 -14.62 -3.27
N GLU A 209 -14.38 -14.19 -2.61
CA GLU A 209 -15.73 -14.50 -3.09
C GLU A 209 -15.99 -13.87 -4.45
N PHE A 210 -15.46 -12.66 -4.68
CA PHE A 210 -15.66 -11.98 -5.96
C PHE A 210 -14.67 -12.42 -7.02
N GLY A 211 -13.59 -13.09 -6.65
CA GLY A 211 -12.54 -13.35 -7.60
C GLY A 211 -11.69 -12.15 -7.94
N LYS A 212 -11.67 -11.13 -7.06
CA LYS A 212 -10.90 -9.92 -7.25
C LYS A 212 -9.74 -9.89 -6.26
N THR A 213 -9.10 -8.72 -6.13
CA THR A 213 -7.89 -8.57 -5.34
C THR A 213 -7.98 -7.36 -4.41
N ILE A 214 -7.07 -7.32 -3.44
CA ILE A 214 -6.94 -6.19 -2.53
C ILE A 214 -5.47 -5.76 -2.46
N ILE A 215 -5.27 -4.50 -2.08
CA ILE A 215 -3.95 -3.95 -1.78
C ILE A 215 -3.91 -3.66 -0.28
N ALA A 216 -2.91 -4.23 0.39
CA ALA A 216 -2.71 -3.97 1.81
C ALA A 216 -1.91 -2.69 1.96
N ASP A 217 -2.56 -1.63 2.45
CA ASP A 217 -2.02 -0.27 2.37
C ASP A 217 -1.82 0.30 3.76
N GLY A 218 -0.57 0.45 4.17
CA GLY A 218 -0.22 1.18 5.37
C GLY A 218 0.32 0.28 6.48
N GLY A 219 1.20 0.85 7.30
CA GLY A 219 1.69 0.17 8.48
C GLY A 219 2.85 -0.77 8.27
N ILE A 220 3.27 -1.00 7.02
CA ILE A 220 4.41 -1.86 6.74
C ILE A 220 5.68 -1.17 7.21
N LYS A 221 6.42 -1.82 8.11
CA LYS A 221 7.65 -1.27 8.68
C LYS A 221 8.90 -1.98 8.22
N TYR A 222 8.81 -3.28 7.93
CA TYR A 222 9.95 -4.10 7.52
C TYR A 222 9.50 -5.01 6.40
N SER A 223 10.47 -5.68 5.78
CA SER A 223 10.13 -6.65 4.74
C SER A 223 9.29 -7.79 5.29
N GLY A 224 9.47 -8.15 6.56
CA GLY A 224 8.68 -9.21 7.13
C GLY A 224 7.21 -8.87 7.26
N ASP A 225 6.90 -7.57 7.41
CA ASP A 225 5.51 -7.15 7.43
C ASP A 225 4.84 -7.34 6.08
N ILE A 226 5.59 -7.19 4.98
CA ILE A 226 5.03 -7.48 3.66
C ILE A 226 4.58 -8.94 3.59
N VAL A 227 5.42 -9.86 4.08
CA VAL A 227 5.07 -11.27 4.05
C VAL A 227 3.84 -11.54 4.91
N LYS A 228 3.77 -10.92 6.09
CA LYS A 228 2.58 -11.04 6.92
C LYS A 228 1.35 -10.48 6.20
N ALA A 229 1.50 -9.31 5.58
CA ALA A 229 0.38 -8.69 4.87
C ALA A 229 -0.12 -9.58 3.74
N LEU A 230 0.80 -10.17 2.97
CA LEU A 230 0.39 -11.05 1.88
C LEU A 230 -0.21 -12.34 2.40
N ALA A 231 0.37 -12.92 3.45
CA ALA A 231 -0.16 -14.16 4.00
C ALA A 231 -1.50 -13.95 4.69
N ALA A 232 -1.78 -12.73 5.15
CA ALA A 232 -3.12 -12.46 5.69
C ALA A 232 -4.16 -12.30 4.60
N GLY A 233 -3.76 -12.36 3.33
CA GLY A 233 -4.70 -12.30 2.21
C GLY A 233 -4.47 -11.17 1.22
N GLY A 234 -3.52 -10.27 1.45
CA GLY A 234 -3.29 -9.21 0.48
C GLY A 234 -2.66 -9.76 -0.78
N ASN A 235 -3.18 -9.34 -1.93
CA ASN A 235 -2.56 -9.72 -3.19
C ASN A 235 -1.30 -8.90 -3.47
N ALA A 236 -1.26 -7.67 -2.96
CA ALA A 236 -0.08 -6.84 -3.01
C ALA A 236 -0.13 -5.86 -1.85
N VAL A 237 0.96 -5.12 -1.65
CA VAL A 237 1.04 -4.11 -0.61
C VAL A 237 1.31 -2.75 -1.22
N MET A 238 1.01 -1.70 -0.45
CA MET A 238 1.34 -0.33 -0.80
C MET A 238 2.26 0.24 0.27
N LEU A 239 3.32 0.91 -0.17
CA LEU A 239 4.39 1.36 0.72
C LEU A 239 4.59 2.86 0.61
N GLY A 240 4.66 3.53 1.76
CA GLY A 240 5.08 4.92 1.81
C GLY A 240 6.39 5.03 2.57
N SER A 241 6.32 4.76 3.87
CA SER A 241 7.47 4.89 4.77
C SER A 241 8.72 4.21 4.21
N MET A 242 8.58 2.99 3.69
CA MET A 242 9.74 2.23 3.27
C MET A 242 10.33 2.72 1.94
N LEU A 243 9.56 3.49 1.17
CA LEU A 243 10.10 4.13 -0.01
C LEU A 243 10.45 5.60 0.23
N ALA A 244 10.06 6.15 1.38
CA ALA A 244 10.35 7.53 1.69
C ALA A 244 11.86 7.72 1.88
N GLY A 245 12.36 8.86 1.44
CA GLY A 245 13.77 9.15 1.57
C GLY A 245 14.65 8.51 0.52
N THR A 246 14.08 7.92 -0.52
CA THR A 246 14.89 7.40 -1.59
C THR A 246 15.23 8.51 -2.58
N ASP A 247 16.21 8.22 -3.44
CA ASP A 247 16.62 9.16 -4.47
C ASP A 247 15.45 9.55 -5.35
N GLU A 248 14.63 8.58 -5.74
CA GLU A 248 13.55 8.79 -6.69
C GLU A 248 12.31 9.40 -6.06
N SER A 249 12.28 9.58 -4.72
CA SER A 249 11.14 10.27 -4.14
C SER A 249 11.25 11.78 -4.36
N PRO A 250 10.12 12.50 -4.39
CA PRO A 250 10.11 13.85 -4.97
C PRO A 250 10.97 14.88 -4.26
N GLY A 251 11.21 14.74 -2.96
CA GLY A 251 11.92 15.78 -2.23
C GLY A 251 13.38 15.89 -2.62
N GLU A 252 14.04 16.89 -2.05
CA GLU A 252 15.49 16.99 -2.08
C GLU A 252 16.05 16.74 -0.68
N THR A 253 17.23 16.14 -0.62
CA THR A 253 17.79 15.74 0.66
C THR A 253 18.24 16.96 1.46
N GLU A 254 18.01 16.92 2.77
CA GLU A 254 18.50 17.91 3.71
C GLU A 254 19.62 17.32 4.56
N ILE A 255 20.39 18.19 5.19
CA ILE A 255 21.43 17.78 6.13
C ILE A 255 21.04 18.29 7.51
N PHE A 256 20.69 17.37 8.41
CA PHE A 256 20.34 17.70 9.79
C PHE A 256 21.30 16.98 10.72
N GLN A 257 22.10 17.75 11.46
CA GLN A 257 23.06 17.22 12.43
C GLN A 257 24.03 16.24 11.76
N GLY A 258 24.57 16.64 10.62
CA GLY A 258 25.56 15.84 9.93
C GLY A 258 25.05 14.58 9.28
N ARG A 259 23.75 14.51 8.99
CA ARG A 259 23.17 13.33 8.34
C ARG A 259 22.07 13.76 7.38
N GLN A 260 21.91 12.99 6.32
CA GLN A 260 20.97 13.30 5.25
C GLN A 260 19.57 12.78 5.59
N PHE A 261 18.57 13.62 5.30
CA PHE A 261 17.17 13.29 5.53
C PHE A 261 16.34 13.75 4.33
N LYS A 262 15.11 13.26 4.25
CA LYS A 262 14.14 13.75 3.29
C LYS A 262 12.79 13.90 3.98
N THR A 263 11.97 14.81 3.45
CA THR A 263 10.65 15.07 4.01
C THR A 263 9.69 13.94 3.64
N TYR A 264 8.93 13.48 4.63
CA TYR A 264 7.83 12.55 4.42
C TYR A 264 6.64 13.06 5.22
N ARG A 265 5.51 13.24 4.56
CA ARG A 265 4.35 13.84 5.21
C ARG A 265 3.08 13.16 4.74
N GLY A 266 2.10 13.07 5.64
CA GLY A 266 0.81 12.55 5.26
C GLY A 266 0.10 13.48 4.30
N MET A 267 -0.67 12.90 3.39
CA MET A 267 -1.46 13.71 2.47
C MET A 267 -2.60 14.42 3.18
N GLY A 268 -2.91 14.03 4.41
CA GLY A 268 -3.84 14.73 5.26
C GLY A 268 -3.21 15.65 6.28
N SER A 269 -1.89 15.82 6.24
CA SER A 269 -1.24 16.81 7.09
C SER A 269 -1.63 18.21 6.64
N LEU A 270 -1.39 19.19 7.53
CA LEU A 270 -1.74 20.57 7.21
C LEU A 270 -1.02 21.05 5.95
N ALA A 271 0.29 20.78 5.87
CA ALA A 271 1.07 21.28 4.74
C ALA A 271 0.62 20.65 3.43
N ALA A 272 0.29 19.35 3.44
CA ALA A 272 -0.13 18.69 2.21
C ALA A 272 -1.47 19.20 1.72
N MET A 273 -2.38 19.58 2.64
CA MET A 273 -3.66 20.13 2.22
C MET A 273 -3.54 21.56 1.70
N GLU A 274 -2.49 22.30 2.10
CA GLU A 274 -2.20 23.57 1.44
C GLU A 274 -1.88 23.36 -0.04
N HIS A 275 -1.04 22.35 -0.32
CA HIS A 275 -0.62 22.07 -1.69
C HIS A 275 -1.80 21.81 -2.61
N GLY A 276 -2.87 21.21 -2.10
CA GLY A 276 -4.08 21.01 -2.87
C GLY A 276 -5.15 22.01 -2.55
N LYS A 288 -13.78 23.63 7.02
CA LYS A 288 -12.95 22.62 6.36
C LYS A 288 -12.49 21.57 7.37
N LEU A 289 -11.78 20.56 6.88
CA LEU A 289 -11.46 19.37 7.67
C LEU A 289 -10.18 19.55 8.46
N VAL A 290 -10.16 18.93 9.63
CA VAL A 290 -9.05 19.00 10.59
C VAL A 290 -7.98 18.00 10.13
N PRO A 291 -6.69 18.27 10.33
CA PRO A 291 -5.66 17.36 9.78
C PRO A 291 -5.72 15.97 10.37
N GLU A 292 -5.37 14.98 9.55
CA GLU A 292 -5.26 13.59 9.99
C GLU A 292 -3.92 13.00 9.61
N GLY A 293 -2.89 13.85 9.53
CA GLY A 293 -1.53 13.39 9.29
C GLY A 293 -0.53 14.39 9.83
N ILE A 294 0.69 13.91 10.02
CA ILE A 294 1.79 14.74 10.51
C ILE A 294 2.84 14.90 9.41
N GLU A 295 3.70 15.90 9.59
N GLU A 295 3.68 15.92 9.56
CA GLU A 295 4.81 16.19 8.67
CA GLU A 295 4.80 16.16 8.66
C GLU A 295 6.11 15.82 9.36
C GLU A 295 6.09 15.79 9.37
N GLY A 296 6.92 15.00 8.70
CA GLY A 296 8.17 14.55 9.30
C GLY A 296 9.33 14.41 8.33
N ARG A 297 10.43 13.86 8.85
CA ARG A 297 11.62 13.58 8.05
C ARG A 297 12.07 12.16 8.34
N VAL A 298 12.64 11.52 7.33
CA VAL A 298 13.19 10.17 7.47
C VAL A 298 14.63 10.18 6.99
N PRO A 299 15.49 9.29 7.49
CA PRO A 299 16.86 9.24 6.99
C PRO A 299 16.88 8.88 5.50
N TYR A 300 17.89 9.43 4.81
CA TYR A 300 18.10 9.11 3.41
C TYR A 300 18.39 7.62 3.25
N LYS A 301 17.62 6.96 2.38
CA LYS A 301 17.69 5.52 2.24
C LYS A 301 18.55 5.05 1.08
N GLY A 302 18.76 5.87 0.06
CA GLY A 302 19.48 5.43 -1.12
C GLY A 302 18.55 5.23 -2.30
N SER A 303 18.89 4.32 -3.20
CA SER A 303 18.12 4.15 -4.42
C SER A 303 16.96 3.19 -4.22
N VAL A 304 15.90 3.40 -5.01
CA VAL A 304 14.74 2.51 -4.97
C VAL A 304 15.16 1.08 -5.32
N ALA A 305 16.04 0.93 -6.31
CA ALA A 305 16.48 -0.41 -6.71
C ALA A 305 17.09 -1.17 -5.54
N ASP A 306 17.94 -0.51 -4.74
CA ASP A 306 18.55 -1.17 -3.60
C ASP A 306 17.53 -1.51 -2.53
N ILE A 307 16.55 -0.62 -2.29
CA ILE A 307 15.56 -0.89 -1.26
C ILE A 307 14.66 -2.05 -1.68
N ILE A 308 14.17 -2.02 -2.92
CA ILE A 308 13.31 -3.11 -3.40
C ILE A 308 14.05 -4.43 -3.35
N PHE A 309 15.35 -4.41 -3.67
CA PHE A 309 16.14 -5.64 -3.61
C PHE A 309 16.08 -6.25 -2.21
N GLN A 310 16.18 -5.43 -1.16
CA GLN A 310 16.09 -5.97 0.18
C GLN A 310 14.68 -6.46 0.50
N LEU A 311 13.66 -5.69 0.11
CA LEU A 311 12.29 -6.12 0.36
C LEU A 311 12.00 -7.45 -0.31
N VAL A 312 12.24 -7.52 -1.63
CA VAL A 312 12.03 -8.74 -2.39
C VAL A 312 12.78 -9.92 -1.77
N GLY A 313 14.01 -9.69 -1.31
CA GLY A 313 14.77 -10.74 -0.69
C GLY A 313 14.15 -11.24 0.61
N GLY A 314 13.48 -10.35 1.35
CA GLY A 314 12.77 -10.79 2.53
C GLY A 314 11.55 -11.61 2.20
N ILE A 315 10.83 -11.23 1.15
CA ILE A 315 9.65 -11.97 0.72
C ILE A 315 10.05 -13.38 0.28
N ARG A 316 11.11 -13.49 -0.52
CA ARG A 316 11.58 -14.80 -0.96
C ARG A 316 12.00 -15.66 0.21
N SER A 317 12.71 -15.07 1.17
CA SER A 317 13.11 -15.80 2.36
C SER A 317 11.88 -16.29 3.13
N GLY A 318 10.90 -15.41 3.34
CA GLY A 318 9.69 -15.81 4.02
C GLY A 318 8.96 -16.95 3.34
N MET A 319 8.87 -16.90 2.00
CA MET A 319 8.13 -17.91 1.27
C MET A 319 8.87 -19.25 1.23
N GLY A 320 10.21 -19.22 1.24
CA GLY A 320 10.96 -20.45 1.43
C GLY A 320 10.71 -21.08 2.78
N TYR A 321 10.53 -20.25 3.83
CA TYR A 321 10.22 -20.77 5.16
C TYR A 321 8.83 -21.39 5.22
N THR A 322 7.85 -20.79 4.54
CA THR A 322 6.48 -21.29 4.56
C THR A 322 6.21 -22.34 3.48
N GLY A 323 7.17 -22.60 2.61
CA GLY A 323 6.96 -23.54 1.53
C GLY A 323 6.02 -23.02 0.47
N SER A 324 5.94 -21.70 0.29
CA SER A 324 5.05 -21.13 -0.71
C SER A 324 5.80 -20.99 -2.02
N PRO A 325 5.47 -21.78 -3.06
CA PRO A 325 6.12 -21.58 -4.36
C PRO A 325 5.62 -20.37 -5.13
N ASP A 326 4.43 -19.85 -4.79
CA ASP A 326 3.93 -18.62 -5.41
C ASP A 326 3.06 -17.91 -4.36
N LEU A 327 2.60 -16.71 -4.72
CA LEU A 327 1.85 -15.91 -3.74
C LEU A 327 0.50 -16.52 -3.43
N ARG A 328 -0.07 -17.29 -4.37
CA ARG A 328 -1.34 -17.95 -4.10
C ARG A 328 -1.24 -18.87 -2.89
N HIS A 329 -0.17 -19.67 -2.84
CA HIS A 329 0.01 -20.58 -1.70
C HIS A 329 0.20 -19.81 -0.40
N LEU A 330 0.97 -18.71 -0.46
CA LEU A 330 1.16 -17.90 0.75
C LEU A 330 -0.17 -17.34 1.23
N ARG A 331 -1.01 -16.85 0.31
CA ARG A 331 -2.30 -16.30 0.69
C ARG A 331 -3.24 -17.37 1.26
N GLU A 332 -3.26 -18.56 0.67
CA GLU A 332 -4.27 -19.53 1.00
C GLU A 332 -3.86 -20.51 2.10
N GLU A 333 -2.57 -20.74 2.30
CA GLU A 333 -2.15 -21.87 3.12
C GLU A 333 -1.22 -21.53 4.27
N ALA A 334 -0.53 -20.40 4.25
CA ALA A 334 0.35 -20.04 5.35
C ALA A 334 -0.45 -19.79 6.62
N ALA A 335 0.02 -20.35 7.73
CA ALA A 335 -0.59 -20.15 9.03
C ALA A 335 0.22 -19.17 9.86
N PHE A 336 -0.46 -18.49 10.77
CA PHE A 336 0.16 -17.56 11.71
C PHE A 336 0.20 -18.17 13.11
N VAL A 337 1.06 -17.58 13.95
CA VAL A 337 1.03 -17.81 15.39
C VAL A 337 0.96 -16.46 16.08
N ARG A 338 0.08 -16.34 17.08
CA ARG A 338 -0.08 -15.12 17.84
C ARG A 338 0.96 -15.07 18.95
N MET A 339 1.43 -13.85 19.25
CA MET A 339 2.46 -13.65 20.26
C MET A 339 2.15 -12.39 21.06
N THR A 340 2.71 -12.33 22.26
CA THR A 340 2.60 -11.16 23.12
C THR A 340 3.71 -10.16 22.80
N GLY A 341 3.72 -9.04 23.54
CA GLY A 341 4.81 -8.10 23.41
C GLY A 341 6.15 -8.70 23.78
N ALA A 342 6.17 -9.62 24.75
CA ALA A 342 7.40 -10.35 25.05
C ALA A 342 7.88 -11.14 23.83
N GLY A 343 6.94 -11.71 23.06
CA GLY A 343 7.32 -12.39 21.84
C GLY A 343 7.86 -11.44 20.79
N LEU A 344 7.30 -10.23 20.72
CA LEU A 344 7.84 -9.21 19.82
C LEU A 344 9.27 -8.84 20.20
N ARG A 345 9.54 -8.69 21.49
CA ARG A 345 10.90 -8.37 21.92
C ARG A 345 11.89 -9.45 21.51
N GLU A 346 11.49 -10.72 21.65
CA GLU A 346 12.36 -11.82 21.22
C GLU A 346 12.58 -11.79 19.71
N SER A 347 11.61 -11.27 18.95
CA SER A 347 11.65 -11.35 17.50
C SER A 347 12.64 -10.35 16.92
N HIS A 348 12.72 -9.15 17.48
CA HIS A 348 13.76 -8.21 17.11
C HIS A 348 15.08 -8.61 17.77
N PRO A 349 16.19 -8.09 17.27
CA PRO A 349 17.45 -8.22 18.02
C PRO A 349 17.30 -7.68 19.43
N HIS A 350 17.91 -8.38 20.39
CA HIS A 350 17.77 -8.02 21.79
C HIS A 350 19.07 -8.29 22.52
N ASP A 351 19.35 -7.46 23.53
CA ASP A 351 20.51 -7.63 24.42
C ASP A 351 21.82 -7.61 23.64
N ILE A 352 21.94 -6.61 22.77
CA ILE A 352 23.10 -6.50 21.88
C ILE A 352 23.20 -5.04 21.44
N GLN A 353 24.42 -4.54 21.35
CA GLN A 353 24.67 -3.19 20.83
C GLN A 353 25.07 -3.32 19.36
N ILE A 354 24.10 -3.05 18.47
CA ILE A 354 24.37 -3.12 17.03
C ILE A 354 25.40 -2.07 16.65
N THR A 355 26.48 -2.51 16.01
CA THR A 355 27.57 -1.63 15.63
C THR A 355 27.57 -1.25 14.16
N LYS A 356 27.08 -2.14 13.29
CA LYS A 356 27.02 -1.91 11.85
C LYS A 356 25.57 -1.94 11.40
N GLU A 357 25.19 -0.95 10.60
CA GLU A 357 23.82 -0.91 10.08
C GLU A 357 23.60 -2.03 9.07
N ALA A 358 22.55 -2.82 9.26
CA ALA A 358 22.19 -3.83 8.29
C ALA A 358 21.40 -3.20 7.14
N PRO A 359 21.50 -3.74 5.94
CA PRO A 359 20.76 -3.16 4.80
C PRO A 359 19.25 -3.35 4.90
N ASN A 360 18.77 -4.25 5.76
CA ASN A 360 17.33 -4.49 5.91
C ASN A 360 16.86 -4.32 7.35
N TYR A 361 17.66 -3.68 8.21
CA TYR A 361 17.26 -3.46 9.58
C TYR A 361 17.90 -2.19 10.11
N SER A 362 17.07 -1.30 10.66
CA SER A 362 17.53 -0.03 11.21
C SER A 362 17.83 -0.16 12.70
#